data_5HP4
#
_entry.id   5HP4
#
_cell.length_a   67.510
_cell.length_b   67.510
_cell.length_c   187.810
_cell.angle_alpha   90.000
_cell.angle_beta   90.000
_cell.angle_gamma   90.000
#
_symmetry.space_group_name_H-M   'P 43 21 2'
#
loop_
_entity.id
_entity.type
_entity.pdbx_description
1 polymer "DNA (5'-D(*GP*AP*TP*CP*TP*AP*TP*AP*TP*GP*CP*CP*AP*TP*CP*GP*G)-3')"
2 polymer Exodeoxyribonuclease
3 non-polymer 'CALCIUM ION'
4 non-polymer 'SODIUM ION'
5 non-polymer 'POTASSIUM ION'
6 non-polymer GLYCEROL
7 water water
#
loop_
_entity_poly.entity_id
_entity_poly.type
_entity_poly.pdbx_seq_one_letter_code
_entity_poly.pdbx_strand_id
1 'polydeoxyribonucleotide' (DG)(DA)(DT)(DC)(DT)(DA)(DT)(DA)(DT)(DG)(DC)(DC)(DA)(DT)(DC)(DG)(DG) X
2 'polypeptide(L)'
;RNLMIVDGTNLGFRFKHNNSKKPFASSYVSTIQSLAKSYSARTTIVLGDKGKSVFRLEHLPEYKGNRDEKYAQRTEEEKA
LDEQFFEYLKDAFELCKTTFPTFTIRGVEADDMAAYIVKLIGHLYDHVWLISTDGKWDTLLTDKVSRFSFTTRREYHLRD
MYEHHNVDDVEQFISLKAIMGDLGDNIRGVEGIGAKRGYNIIREFGNVLDIIDQLPLPGKQKYIQNLNASEELLFRNLIL
VDLPTYCVDAIAAVGQDVLDKFTKDILEIAEQ
;
A
#
loop_
_chem_comp.id
_chem_comp.type
_chem_comp.name
_chem_comp.formula
CA non-polymer 'CALCIUM ION' 'Ca 2'
DA DNA linking 2'-DEOXYADENOSINE-5'-MONOPHOSPHATE 'C10 H14 N5 O6 P'
DC DNA linking 2'-DEOXYCYTIDINE-5'-MONOPHOSPHATE 'C9 H14 N3 O7 P'
DG DNA linking 2'-DEOXYGUANOSINE-5'-MONOPHOSPHATE 'C10 H14 N5 O7 P'
DT DNA linking THYMIDINE-5'-MONOPHOSPHATE 'C10 H15 N2 O8 P'
GOL non-polymer GLYCEROL 'C3 H8 O3'
K non-polymer 'POTASSIUM ION' 'K 1'
NA non-polymer 'SODIUM ION' 'Na 1'
#
# COMPACT_ATOMS: atom_id res chain seq x y z
N ARG B 1 -12.37 12.09 17.72
CA ARG B 1 -11.01 12.39 17.25
C ARG B 1 -10.57 11.22 16.34
N ASN B 2 -9.57 11.47 15.49
CA ASN B 2 -9.22 10.53 14.42
C ASN B 2 -7.84 9.88 14.62
N LEU B 3 -7.59 8.87 13.78
CA LEU B 3 -6.27 8.25 13.65
C LEU B 3 -5.73 8.60 12.27
N MET B 4 -4.48 8.98 12.20
CA MET B 4 -3.80 9.20 10.95
C MET B 4 -2.59 8.26 10.80
N ILE B 5 -2.50 7.56 9.68
CA ILE B 5 -1.42 6.62 9.42
C ILE B 5 -0.70 7.11 8.17
N VAL B 6 0.58 7.35 8.30
CA VAL B 6 1.39 7.95 7.22
C VAL B 6 2.24 6.89 6.52
N ASP B 7 2.14 6.80 5.19
CA ASP B 7 3.06 6.04 4.32
C ASP B 7 4.27 6.96 4.11
N GLY B 8 5.22 6.84 5.02
CA GLY B 8 6.27 7.83 5.19
C GLY B 8 7.32 7.89 4.12
N THR B 9 7.75 6.74 3.61
CA THR B 9 8.67 6.75 2.47
C THR B 9 7.98 7.32 1.22
N ASN B 10 6.73 6.92 1.05
CA ASN B 10 5.85 7.40 -0.03
C ASN B 10 5.67 8.91 0.04
N LEU B 11 5.44 9.41 1.24
CA LEU B 11 5.30 10.89 1.43
C LEU B 11 6.57 11.66 1.11
N GLY B 12 7.73 11.06 1.37
CA GLY B 12 9.01 11.74 1.16
C GLY B 12 9.28 12.28 -0.22
N PHE B 13 8.68 11.65 -1.22
CA PHE B 13 8.84 12.08 -2.62
C PHE B 13 8.23 13.47 -2.88
N ARG B 14 7.36 13.95 -2.00
CA ARG B 14 6.89 15.35 -2.16
C ARG B 14 8.05 16.37 -1.96
N PHE B 15 9.10 15.94 -1.29
CA PHE B 15 10.28 16.76 -1.01
C PHE B 15 11.43 16.57 -1.98
N LYS B 16 11.22 15.80 -3.05
CA LYS B 16 12.30 15.53 -3.99
C LYS B 16 12.31 16.60 -5.08
N HIS B 17 13.26 17.52 -5.00
CA HIS B 17 13.36 18.63 -5.93
C HIS B 17 14.81 18.71 -6.35
N ASN B 18 15.04 18.47 -7.63
CA ASN B 18 16.42 18.41 -8.15
C ASN B 18 17.16 19.76 -8.02
N ASN B 19 16.39 20.86 -8.08
CA ASN B 19 16.94 22.21 -7.97
C ASN B 19 17.07 22.73 -6.52
N SER B 20 16.89 21.87 -5.51
CA SER B 20 17.10 22.23 -4.09
C SER B 20 18.08 21.25 -3.44
N LYS B 21 19.21 21.76 -2.96
CA LYS B 21 20.25 20.97 -2.27
C LYS B 21 20.10 20.96 -0.74
N LYS B 22 18.97 21.45 -0.23
CA LYS B 22 18.83 21.75 1.19
C LYS B 22 18.12 20.62 1.91
N PRO B 23 18.42 20.43 3.20
CA PRO B 23 17.72 19.40 4.00
C PRO B 23 16.26 19.73 4.17
N PHE B 24 15.43 18.70 4.32
CA PHE B 24 13.98 18.91 4.46
C PHE B 24 13.38 18.22 5.68
N ALA B 25 14.22 17.70 6.58
CA ALA B 25 13.74 16.98 7.76
C ALA B 25 12.69 17.77 8.56
N SER B 26 13.00 19.03 8.80
CA SER B 26 12.10 19.90 9.53
C SER B 26 10.74 20.11 8.84
N SER B 27 10.77 20.37 7.53
N SER B 27 10.78 20.36 7.54
CA SER B 27 9.54 20.49 6.72
CA SER B 27 9.59 20.47 6.72
C SER B 27 8.75 19.17 6.65
C SER B 27 8.76 19.17 6.70
N TYR B 28 9.45 18.03 6.62
CA TYR B 28 8.79 16.72 6.63
C TYR B 28 7.94 16.53 7.90
N VAL B 29 8.54 16.85 9.05
CA VAL B 29 7.87 16.65 10.31
C VAL B 29 6.74 17.63 10.44
N SER B 30 6.99 18.85 10.00
CA SER B 30 5.99 19.90 10.08
C SER B 30 4.77 19.57 9.20
N THR B 31 5.03 19.07 8.00
CA THR B 31 3.97 18.60 7.11
C THR B 31 3.08 17.57 7.80
N ILE B 32 3.68 16.60 8.48
CA ILE B 32 2.88 15.57 9.16
C ILE B 32 2.07 16.18 10.32
N GLN B 33 2.69 17.06 11.10
CA GLN B 33 2.00 17.78 12.18
C GLN B 33 0.80 18.55 11.66
N SER B 34 0.99 19.23 10.54
CA SER B 34 -0.11 20.00 9.94
C SER B 34 -1.22 19.12 9.35
N LEU B 35 -0.86 17.99 8.76
CA LEU B 35 -1.85 17.05 8.32
C LEU B 35 -2.64 16.46 9.49
N ALA B 36 -1.97 16.15 10.59
CA ALA B 36 -2.65 15.59 11.78
C ALA B 36 -3.69 16.58 12.31
N LYS B 37 -3.30 17.85 12.37
CA LYS B 37 -4.24 18.91 12.79
C LYS B 37 -5.41 19.05 11.84
N SER B 38 -5.13 19.07 10.53
CA SER B 38 -6.16 19.14 9.47
C SER B 38 -7.17 18.02 9.58
N TYR B 39 -6.70 16.83 9.92
CA TYR B 39 -7.55 15.65 10.00
C TYR B 39 -8.00 15.32 11.44
N SER B 40 -7.84 16.26 12.38
CA SER B 40 -8.30 16.11 13.77
C SER B 40 -7.81 14.79 14.36
N ALA B 41 -6.55 14.49 14.11
CA ALA B 41 -5.95 13.23 14.53
C ALA B 41 -5.43 13.36 15.94
N ARG B 42 -6.02 12.61 16.88
CA ARG B 42 -5.40 12.48 18.22
C ARG B 42 -4.21 11.51 18.26
N THR B 43 -4.11 10.66 17.25
CA THR B 43 -3.03 9.71 17.14
C THR B 43 -2.51 9.76 15.71
N THR B 44 -1.20 9.89 15.58
CA THR B 44 -0.52 9.79 14.29
C THR B 44 0.55 8.71 14.39
N ILE B 45 0.55 7.79 13.45
CA ILE B 45 1.58 6.77 13.36
C ILE B 45 2.23 6.90 11.99
N VAL B 46 3.56 7.02 11.99
CA VAL B 46 4.33 7.09 10.76
C VAL B 46 5.01 5.74 10.48
N LEU B 47 4.81 5.25 9.27
CA LEU B 47 5.41 4.02 8.78
C LEU B 47 6.47 4.32 7.74
N GLY B 48 7.48 3.47 7.68
CA GLY B 48 8.50 3.62 6.64
C GLY B 48 8.82 2.27 6.04
N ASP B 49 9.34 2.30 4.83
CA ASP B 49 9.79 1.09 4.14
C ASP B 49 11.19 0.69 4.61
N LYS B 50 11.45 -0.61 4.69
CA LYS B 50 12.78 -1.10 5.11
C LYS B 50 12.99 -2.46 4.45
N GLY B 51 13.41 -2.43 3.19
CA GLY B 51 13.66 -3.64 2.43
C GLY B 51 12.41 -4.27 1.83
N LYS B 52 12.61 -5.15 0.88
CA LYS B 52 11.48 -5.79 0.21
C LYS B 52 10.72 -6.74 1.17
N SER B 53 9.39 -6.75 1.01
CA SER B 53 8.47 -7.68 1.66
C SER B 53 8.91 -9.15 1.58
N VAL B 54 9.30 -9.70 2.74
CA VAL B 54 9.68 -11.12 2.78
C VAL B 54 8.48 -11.99 2.42
N PHE B 55 7.32 -11.62 2.94
CA PHE B 55 6.10 -12.39 2.67
C PHE B 55 5.85 -12.51 1.16
N ARG B 56 5.98 -11.42 0.43
CA ARG B 56 5.73 -11.44 -1.00
C ARG B 56 6.87 -12.08 -1.79
N LEU B 57 8.11 -11.84 -1.37
CA LEU B 57 9.26 -12.50 -1.99
C LEU B 57 9.16 -14.00 -1.94
N GLU B 58 8.67 -14.54 -0.82
CA GLU B 58 8.52 -15.99 -0.66
C GLU B 58 7.61 -16.57 -1.71
N HIS B 59 6.59 -15.82 -2.11
CA HIS B 59 5.64 -16.23 -3.13
C HIS B 59 6.06 -15.84 -4.54
N LEU B 60 7.01 -14.90 -4.65
CA LEU B 60 7.37 -14.29 -5.92
C LEU B 60 8.78 -13.68 -5.82
N PRO B 61 9.82 -14.48 -6.16
CA PRO B 61 11.19 -13.96 -6.05
C PRO B 61 11.48 -12.74 -6.89
N GLU B 62 10.77 -12.54 -8.01
CA GLU B 62 10.94 -11.30 -8.84
C GLU B 62 10.17 -10.09 -8.34
N TYR B 63 9.51 -10.20 -7.18
CA TYR B 63 8.79 -9.08 -6.59
C TYR B 63 9.61 -7.79 -6.55
N LYS B 64 9.03 -6.73 -7.10
CA LYS B 64 9.71 -5.41 -7.20
C LYS B 64 11.03 -5.41 -7.96
N GLY B 65 11.31 -6.45 -8.73
CA GLY B 65 12.48 -6.45 -9.61
C GLY B 65 12.51 -5.31 -10.63
N ASN B 66 11.33 -4.94 -11.10
CA ASN B 66 11.14 -3.75 -11.96
C ASN B 66 11.67 -2.47 -11.31
N ARG B 67 11.50 -2.34 -10.00
CA ARG B 67 12.04 -1.21 -9.25
C ARG B 67 13.57 -1.22 -9.22
N ASP B 68 14.16 -2.40 -9.04
CA ASP B 68 15.60 -2.50 -9.11
C ASP B 68 16.12 -2.10 -10.50
N GLU B 69 15.42 -2.54 -11.54
CA GLU B 69 15.80 -2.22 -12.93
C GLU B 69 15.76 -0.71 -13.19
N LYS B 70 14.72 -0.07 -12.73
CA LYS B 70 14.57 1.40 -12.81
C LYS B 70 15.80 2.13 -12.22
N TYR B 71 16.18 1.78 -10.99
CA TYR B 71 17.33 2.41 -10.32
C TYR B 71 18.66 2.05 -10.96
N ALA B 72 18.73 0.87 -11.54
CA ALA B 72 19.96 0.41 -12.20
C ALA B 72 20.35 1.28 -13.42
N GLN B 73 19.32 1.75 -14.13
CA GLN B 73 19.45 2.54 -15.36
C GLN B 73 19.79 4.02 -15.14
N ARG B 74 19.82 4.49 -13.90
CA ARG B 74 20.18 5.89 -13.63
C ARG B 74 21.54 6.33 -14.17
N THR B 75 21.61 7.56 -14.65
CA THR B 75 22.88 8.21 -14.97
C THR B 75 23.61 8.54 -13.66
N GLU B 76 24.90 8.83 -13.81
CA GLU B 76 25.77 9.28 -12.71
C GLU B 76 25.22 10.50 -11.96
N GLU B 77 24.62 11.42 -12.71
CA GLU B 77 24.02 12.63 -12.14
C GLU B 77 22.78 12.27 -11.34
N GLU B 78 21.93 11.41 -11.91
CA GLU B 78 20.72 10.99 -11.22
C GLU B 78 21.06 10.29 -9.91
N LYS B 79 22.11 9.48 -9.92
CA LYS B 79 22.48 8.73 -8.73
C LYS B 79 22.91 9.61 -7.61
N ALA B 80 23.75 10.59 -7.94
CA ALA B 80 24.17 11.62 -6.98
C ALA B 80 22.98 12.35 -6.35
N LEU B 81 22.02 12.76 -7.18
CA LEU B 81 20.81 13.45 -6.68
C LEU B 81 19.99 12.53 -5.79
N ASP B 82 19.77 11.30 -6.26
CA ASP B 82 19.04 10.33 -5.45
C ASP B 82 19.69 10.05 -4.10
N GLU B 83 21.01 9.89 -4.08
CA GLU B 83 21.70 9.61 -2.82
C GLU B 83 21.50 10.74 -1.83
N GLN B 84 21.53 11.98 -2.30
CA GLN B 84 21.30 13.12 -1.45
C GLN B 84 19.87 13.05 -0.91
N PHE B 85 18.93 12.80 -1.83
CA PHE B 85 17.53 12.71 -1.42
C PHE B 85 17.31 11.65 -0.36
N PHE B 86 17.81 10.44 -0.60
CA PHE B 86 17.56 9.35 0.33
C PHE B 86 18.23 9.54 1.71
N GLU B 87 19.40 10.17 1.72
CA GLU B 87 20.07 10.56 3.00
C GLU B 87 19.25 11.61 3.73
N TYR B 88 18.76 12.60 2.99
CA TYR B 88 17.85 13.59 3.61
C TYR B 88 16.57 12.98 4.14
N LEU B 89 16.03 11.98 3.43
CA LEU B 89 14.85 11.29 3.89
C LEU B 89 15.11 10.45 5.14
N LYS B 90 16.27 9.78 5.19
CA LYS B 90 16.66 9.07 6.41
C LYS B 90 16.71 10.05 7.61
N ASP B 91 17.32 11.21 7.39
CA ASP B 91 17.33 12.26 8.42
C ASP B 91 15.95 12.72 8.81
N ALA B 92 15.07 12.86 7.82
CA ALA B 92 13.67 13.21 8.10
C ALA B 92 13.02 12.14 8.99
N PHE B 93 13.23 10.86 8.68
CA PHE B 93 12.72 9.77 9.55
C PHE B 93 13.24 9.78 10.96
N GLU B 94 14.53 10.05 11.10
CA GLU B 94 15.14 10.12 12.43
C GLU B 94 14.47 11.25 13.24
N LEU B 95 14.25 12.41 12.63
CA LEU B 95 13.58 13.51 13.33
C LEU B 95 12.13 13.15 13.67
N CYS B 96 11.48 12.54 12.71
CA CYS B 96 10.15 12.02 12.88
C CYS B 96 10.02 11.12 14.11
N LYS B 97 10.99 10.22 14.34
CA LYS B 97 10.93 9.26 15.46
C LYS B 97 10.86 9.98 16.80
N THR B 98 11.49 11.15 16.91
CA THR B 98 11.50 11.92 18.16
C THR B 98 10.15 12.59 18.41
N THR B 99 9.31 12.72 17.38
CA THR B 99 8.02 13.42 17.49
C THR B 99 6.79 12.51 17.46
N PHE B 100 6.82 11.46 16.64
CA PHE B 100 5.68 10.57 16.39
C PHE B 100 6.09 9.12 16.59
N PRO B 101 5.14 8.26 17.01
CA PRO B 101 5.43 6.82 16.91
C PRO B 101 5.72 6.51 15.44
N THR B 102 6.90 5.95 15.16
CA THR B 102 7.39 5.78 13.81
C THR B 102 7.88 4.34 13.75
N PHE B 103 7.39 3.56 12.78
CA PHE B 103 7.75 2.14 12.67
C PHE B 103 8.37 1.81 11.34
N THR B 104 9.49 1.10 11.42
CA THR B 104 10.04 0.40 10.27
C THR B 104 10.37 -0.99 10.81
N ILE B 105 10.02 -2.02 10.02
CA ILE B 105 10.34 -3.39 10.35
C ILE B 105 10.90 -4.05 9.12
N ARG B 106 12.18 -4.41 9.17
CA ARG B 106 12.87 -4.94 7.99
C ARG B 106 12.12 -6.13 7.42
N GLY B 107 11.89 -6.07 6.10
CA GLY B 107 11.20 -7.12 5.38
C GLY B 107 9.70 -7.10 5.54
N VAL B 108 9.15 -6.00 6.08
CA VAL B 108 7.72 -5.82 6.16
C VAL B 108 7.35 -4.54 5.42
N GLU B 109 6.42 -4.67 4.48
CA GLU B 109 5.89 -3.56 3.68
C GLU B 109 5.12 -2.66 4.65
N ALA B 110 5.24 -1.35 4.48
CA ALA B 110 4.38 -0.42 5.22
C ALA B 110 2.88 -0.69 4.99
N ASP B 111 2.55 -1.14 3.77
CA ASP B 111 1.16 -1.48 3.39
C ASP B 111 0.55 -2.43 4.45
N ASP B 112 1.33 -3.44 4.83
CA ASP B 112 0.86 -4.47 5.74
C ASP B 112 0.73 -3.93 7.15
N MET B 113 1.66 -3.10 7.59
CA MET B 113 1.56 -2.48 8.91
C MET B 113 0.33 -1.58 8.96
N ALA B 114 0.08 -0.84 7.90
CA ALA B 114 -1.11 0.05 7.85
C ALA B 114 -2.41 -0.75 7.94
N ALA B 115 -2.51 -1.82 7.13
CA ALA B 115 -3.68 -2.68 7.14
C ALA B 115 -3.93 -3.25 8.53
N TYR B 116 -2.87 -3.68 9.18
CA TYR B 116 -3.00 -4.27 10.50
C TYR B 116 -3.38 -3.25 11.58
N ILE B 117 -2.77 -2.07 11.55
CA ILE B 117 -3.12 -1.00 12.47
C ILE B 117 -4.62 -0.69 12.35
N VAL B 118 -5.14 -0.58 11.13
CA VAL B 118 -6.54 -0.24 10.90
C VAL B 118 -7.42 -1.33 11.52
N LYS B 119 -7.09 -2.59 11.25
CA LYS B 119 -7.80 -3.71 11.83
C LYS B 119 -7.76 -3.70 13.36
N LEU B 120 -6.59 -3.44 13.94
CA LEU B 120 -6.41 -3.52 15.41
C LEU B 120 -7.10 -2.39 16.19
N ILE B 121 -6.88 -1.17 15.77
CA ILE B 121 -7.31 0.01 16.52
C ILE B 121 -8.21 0.99 15.80
N GLY B 122 -8.51 0.77 14.52
CA GLY B 122 -9.38 1.70 13.79
C GLY B 122 -10.71 1.96 14.47
N HIS B 123 -11.29 0.91 15.05
CA HIS B 123 -12.58 1.02 15.75
C HIS B 123 -12.57 1.99 16.90
N LEU B 124 -11.41 2.33 17.44
CA LEU B 124 -11.30 3.25 18.57
C LEU B 124 -11.39 4.73 18.19
N TYR B 125 -11.52 5.04 16.90
CA TYR B 125 -11.49 6.44 16.43
C TYR B 125 -12.72 6.72 15.58
N ASP B 126 -13.07 7.98 15.44
CA ASP B 126 -14.21 8.36 14.59
C ASP B 126 -13.97 8.10 13.12
N HIS B 127 -12.77 8.44 12.66
CA HIS B 127 -12.36 8.25 11.29
C HIS B 127 -10.86 7.95 11.24
N VAL B 128 -10.43 7.19 10.22
CA VAL B 128 -9.02 6.89 10.00
C VAL B 128 -8.60 7.54 8.68
N TRP B 129 -7.50 8.29 8.69
CA TRP B 129 -6.98 8.97 7.51
C TRP B 129 -5.62 8.37 7.13
N LEU B 130 -5.54 7.86 5.91
CA LEU B 130 -4.33 7.24 5.38
C LEU B 130 -3.63 8.25 4.47
N ILE B 131 -2.39 8.56 4.78
CA ILE B 131 -1.59 9.50 3.96
C ILE B 131 -0.67 8.70 3.03
N SER B 132 -1.15 8.47 1.81
CA SER B 132 -0.45 7.67 0.82
C SER B 132 -0.93 8.03 -0.58
N THR B 133 -0.01 8.11 -1.50
CA THR B 133 -0.35 8.22 -2.93
C THR B 133 -0.68 6.87 -3.57
N ASP B 134 -0.47 5.78 -2.84
CA ASP B 134 -0.60 4.41 -3.35
C ASP B 134 -2.04 3.95 -3.36
N GLY B 135 -2.59 3.79 -4.57
CA GLY B 135 -3.98 3.35 -4.75
C GLY B 135 -4.29 2.02 -4.15
N LYS B 136 -3.29 1.16 -3.95
CA LYS B 136 -3.57 -0.10 -3.30
C LYS B 136 -4.02 0.01 -1.83
N TRP B 137 -3.72 1.13 -1.19
CA TRP B 137 -4.18 1.38 0.16
C TRP B 137 -5.70 1.58 0.17
N ASP B 138 -6.33 1.77 -0.99
CA ASP B 138 -7.80 1.83 -1.06
C ASP B 138 -8.48 0.49 -0.86
N THR B 139 -7.70 -0.60 -0.80
CA THR B 139 -8.22 -1.85 -0.25
C THR B 139 -8.66 -1.74 1.21
N LEU B 140 -8.33 -0.63 1.89
CA LEU B 140 -8.70 -0.39 3.27
C LEU B 140 -9.87 0.57 3.46
N LEU B 141 -10.41 1.15 2.38
CA LEU B 141 -11.45 2.18 2.54
C LEU B 141 -12.73 1.58 3.11
N THR B 142 -13.37 2.33 4.01
CA THR B 142 -14.68 1.98 4.54
C THR B 142 -15.38 3.32 4.73
N ASP B 143 -16.59 3.33 5.25
CA ASP B 143 -17.23 4.62 5.55
C ASP B 143 -16.48 5.40 6.63
N LYS B 144 -15.58 4.74 7.38
CA LYS B 144 -14.75 5.37 8.41
C LYS B 144 -13.25 5.47 8.08
N VAL B 145 -12.81 4.99 6.91
CA VAL B 145 -11.41 5.03 6.55
C VAL B 145 -11.25 5.67 5.19
N SER B 146 -10.42 6.68 5.09
CA SER B 146 -10.24 7.44 3.84
C SER B 146 -8.76 7.69 3.61
N ARG B 147 -8.43 8.10 2.40
CA ARG B 147 -7.05 8.32 2.02
C ARG B 147 -6.85 9.71 1.41
N PHE B 148 -5.68 10.28 1.65
CA PHE B 148 -5.24 11.53 1.02
C PHE B 148 -3.93 11.31 0.29
N SER B 149 -3.93 11.69 -0.99
CA SER B 149 -2.78 11.64 -1.89
C SER B 149 -2.18 13.01 -2.11
N PHE B 150 -0.91 13.21 -1.77
CA PHE B 150 -0.31 14.53 -2.02
C PHE B 150 -0.20 14.74 -3.51
N THR B 151 0.04 13.69 -4.29
CA THR B 151 0.20 13.82 -5.76
C THR B 151 -1.06 14.39 -6.44
N THR B 152 -2.21 13.81 -6.14
CA THR B 152 -3.42 14.18 -6.82
C THR B 152 -4.15 15.28 -6.06
N ARG B 153 -3.77 15.50 -4.81
CA ARG B 153 -4.44 16.42 -3.87
C ARG B 153 -5.87 16.03 -3.55
N ARG B 154 -6.22 14.77 -3.80
CA ARG B 154 -7.60 14.30 -3.63
C ARG B 154 -7.69 13.45 -2.36
N GLU B 155 -8.91 13.41 -1.83
CA GLU B 155 -9.31 12.52 -0.76
C GLU B 155 -10.11 11.39 -1.39
N TYR B 156 -9.82 10.16 -0.98
CA TYR B 156 -10.45 8.98 -1.53
C TYR B 156 -11.34 8.37 -0.48
N HIS B 157 -12.60 8.17 -0.86
CA HIS B 157 -13.60 7.60 0.02
C HIS B 157 -14.27 6.43 -0.63
N LEU B 158 -14.76 5.52 0.21
CA LEU B 158 -15.42 4.30 -0.23
C LEU B 158 -16.54 4.55 -1.22
N ARG B 159 -17.35 5.58 -0.95
CA ARG B 159 -18.48 5.90 -1.82
C ARG B 159 -18.09 6.31 -3.25
N ASP B 160 -16.86 6.73 -3.45
CA ASP B 160 -16.32 7.12 -4.76
C ASP B 160 -15.41 6.06 -5.42
N MET B 161 -15.53 4.80 -5.00
CA MET B 161 -14.66 3.72 -5.47
C MET B 161 -14.70 3.58 -7.01
N TYR B 162 -15.89 3.72 -7.59
CA TYR B 162 -16.03 3.49 -9.04
C TYR B 162 -15.31 4.59 -9.82
N GLU B 163 -15.55 5.85 -9.41
CA GLU B 163 -14.81 6.97 -9.98
C GLU B 163 -13.29 6.72 -9.97
N HIS B 164 -12.78 6.23 -8.85
CA HIS B 164 -11.33 6.12 -8.66
C HIS B 164 -10.71 4.86 -9.24
N HIS B 165 -11.42 3.74 -9.17
CA HIS B 165 -10.85 2.40 -9.51
C HIS B 165 -11.69 1.51 -10.42
N ASN B 166 -12.83 2.01 -10.91
CA ASN B 166 -13.63 1.29 -11.92
C ASN B 166 -14.24 0.03 -11.32
N VAL B 167 -14.45 0.05 -10.00
CA VAL B 167 -15.17 -1.01 -9.28
C VAL B 167 -16.04 -0.40 -8.22
N ASP B 168 -16.99 -1.17 -7.70
CA ASP B 168 -18.00 -0.61 -6.81
C ASP B 168 -17.68 -0.70 -5.34
N ASP B 169 -16.79 -1.61 -4.93
CA ASP B 169 -16.46 -1.79 -3.51
C ASP B 169 -15.06 -2.43 -3.35
N VAL B 170 -14.65 -2.64 -2.11
CA VAL B 170 -13.33 -3.11 -1.81
C VAL B 170 -13.09 -4.54 -2.29
N GLU B 171 -14.08 -5.41 -2.07
CA GLU B 171 -13.94 -6.79 -2.46
C GLU B 171 -13.71 -6.86 -3.97
N GLN B 172 -14.43 -6.06 -4.74
CA GLN B 172 -14.22 -6.07 -6.19
C GLN B 172 -12.86 -5.49 -6.54
N PHE B 173 -12.42 -4.48 -5.79
CA PHE B 173 -11.10 -3.87 -6.03
C PHE B 173 -9.98 -4.90 -5.85
N ILE B 174 -10.02 -5.63 -4.76
CA ILE B 174 -9.04 -6.69 -4.47
C ILE B 174 -9.07 -7.76 -5.56
N SER B 175 -10.26 -8.22 -5.92
CA SER B 175 -10.39 -9.17 -7.05
C SER B 175 -9.77 -8.63 -8.34
N LEU B 176 -10.05 -7.38 -8.65
CA LEU B 176 -9.49 -6.77 -9.85
C LEU B 176 -7.98 -6.73 -9.83
N LYS B 177 -7.39 -6.31 -8.72
CA LYS B 177 -5.93 -6.33 -8.60
C LYS B 177 -5.34 -7.73 -8.75
N ALA B 178 -6.04 -8.74 -8.24
CA ALA B 178 -5.57 -10.12 -8.43
C ALA B 178 -5.61 -10.56 -9.89
N ILE B 179 -6.66 -10.18 -10.61
CA ILE B 179 -6.77 -10.54 -12.02
C ILE B 179 -5.80 -9.74 -12.87
N MET B 180 -5.68 -8.45 -12.58
CA MET B 180 -4.86 -7.54 -13.38
C MET B 180 -3.39 -7.57 -13.00
N GLY B 181 -3.11 -7.98 -11.79
CA GLY B 181 -1.78 -7.88 -11.23
C GLY B 181 -1.46 -6.44 -10.89
N ASP B 182 -0.19 -6.20 -10.66
CA ASP B 182 0.28 -4.89 -10.20
C ASP B 182 1.64 -4.70 -10.82
N LEU B 183 1.65 -3.87 -11.86
CA LEU B 183 2.85 -3.52 -12.62
C LEU B 183 3.92 -2.88 -11.71
N GLY B 184 3.48 -1.97 -10.84
CA GLY B 184 4.35 -1.29 -9.87
C GLY B 184 5.17 -2.23 -9.00
N ASP B 185 4.60 -3.40 -8.63
CA ASP B 185 5.30 -4.48 -7.84
C ASP B 185 5.82 -5.68 -8.64
N ASN B 186 5.73 -5.61 -9.96
CA ASN B 186 6.16 -6.73 -10.79
C ASN B 186 5.35 -8.04 -10.64
N ILE B 187 4.05 -7.89 -10.37
CA ILE B 187 3.14 -9.03 -10.24
C ILE B 187 2.33 -9.08 -11.54
N ARG B 188 2.56 -10.10 -12.34
CA ARG B 188 1.83 -10.25 -13.60
C ARG B 188 0.38 -10.69 -13.36
N GLY B 189 -0.52 -10.21 -14.20
CA GLY B 189 -1.92 -10.65 -14.12
C GLY B 189 -2.25 -11.49 -15.32
N VAL B 190 -3.54 -11.66 -15.56
CA VAL B 190 -3.98 -12.44 -16.71
C VAL B 190 -3.82 -11.58 -17.97
N GLU B 191 -3.14 -12.08 -18.98
CA GLU B 191 -2.86 -11.30 -20.20
C GLU B 191 -4.15 -11.06 -20.98
N GLY B 192 -4.39 -9.81 -21.33
CA GLY B 192 -5.59 -9.40 -22.03
C GLY B 192 -6.69 -8.85 -21.16
N ILE B 193 -6.55 -8.93 -19.83
CA ILE B 193 -7.53 -8.39 -18.92
C ILE B 193 -7.05 -7.15 -18.18
N GLY B 194 -7.75 -6.03 -18.39
CA GLY B 194 -7.51 -4.77 -17.65
C GLY B 194 -8.72 -4.42 -16.81
N ALA B 195 -8.85 -3.15 -16.48
CA ALA B 195 -9.94 -2.72 -15.62
C ALA B 195 -11.29 -2.97 -16.23
N LYS B 196 -11.43 -2.78 -17.54
CA LYS B 196 -12.76 -2.86 -18.15
C LYS B 196 -13.24 -4.31 -18.25
N ARG B 197 -12.42 -5.18 -18.77
CA ARG B 197 -12.83 -6.59 -18.88
C ARG B 197 -12.89 -7.22 -17.51
N GLY B 198 -11.96 -6.80 -16.62
CA GLY B 198 -11.94 -7.29 -15.26
C GLY B 198 -13.18 -6.98 -14.48
N TYR B 199 -13.59 -5.70 -14.55
CA TYR B 199 -14.82 -5.32 -13.92
C TYR B 199 -16.04 -6.07 -14.45
N ASN B 200 -16.10 -6.26 -15.77
CA ASN B 200 -17.21 -6.99 -16.38
C ASN B 200 -17.32 -8.45 -15.89
N ILE B 201 -16.17 -9.11 -15.82
CA ILE B 201 -16.13 -10.49 -15.31
C ILE B 201 -16.51 -10.54 -13.85
N ILE B 202 -15.96 -9.62 -13.06
CA ILE B 202 -16.32 -9.57 -11.64
C ILE B 202 -17.81 -9.30 -11.40
N ARG B 203 -18.36 -8.34 -12.15
CA ARG B 203 -19.77 -8.01 -12.03
C ARG B 203 -20.61 -9.22 -12.34
N GLU B 204 -20.19 -9.95 -13.37
CA GLU B 204 -20.97 -11.10 -13.81
C GLU B 204 -20.87 -12.29 -12.86
N PHE B 205 -19.65 -12.56 -12.39
CA PHE B 205 -19.36 -13.83 -11.72
C PHE B 205 -19.05 -13.73 -10.25
N GLY B 206 -18.72 -12.54 -9.76
CA GLY B 206 -18.37 -12.35 -8.36
C GLY B 206 -16.87 -12.19 -8.20
N ASN B 207 -16.41 -12.41 -6.98
CA ASN B 207 -15.01 -12.19 -6.65
C ASN B 207 -14.13 -13.29 -7.25
N VAL B 208 -12.82 -13.18 -7.08
CA VAL B 208 -11.86 -14.10 -7.69
C VAL B 208 -12.04 -15.53 -7.27
N LEU B 209 -12.43 -15.75 -6.04
CA LEU B 209 -12.69 -17.11 -5.58
C LEU B 209 -13.90 -17.72 -6.28
N ASP B 210 -14.94 -16.90 -6.49
CA ASP B 210 -16.10 -17.29 -7.28
C ASP B 210 -15.77 -17.56 -8.76
N ILE B 211 -14.93 -16.71 -9.32
CA ILE B 211 -14.49 -16.86 -10.71
C ILE B 211 -13.73 -18.16 -10.85
N ILE B 212 -12.80 -18.43 -9.92
CA ILE B 212 -11.99 -19.66 -10.01
C ILE B 212 -12.89 -20.89 -10.03
N ASP B 213 -13.92 -20.83 -9.20
CA ASP B 213 -14.85 -21.93 -9.08
C ASP B 213 -15.67 -22.15 -10.36
N GLN B 214 -15.77 -21.14 -11.22
CA GLN B 214 -16.51 -21.26 -12.47
C GLN B 214 -15.69 -21.53 -13.72
N LEU B 215 -14.37 -21.69 -13.58
CA LEU B 215 -13.53 -21.89 -14.74
C LEU B 215 -13.73 -23.32 -15.23
N PRO B 216 -13.60 -23.59 -16.53
CA PRO B 216 -13.37 -22.61 -17.57
C PRO B 216 -14.61 -21.81 -17.92
N LEU B 217 -14.43 -20.51 -18.12
CA LEU B 217 -15.50 -19.67 -18.67
C LEU B 217 -15.59 -19.87 -20.17
N PRO B 218 -16.79 -19.66 -20.73
CA PRO B 218 -16.92 -19.82 -22.16
C PRO B 218 -16.43 -18.63 -22.92
N GLY B 219 -16.08 -18.89 -24.17
CA GLY B 219 -15.58 -17.88 -25.08
C GLY B 219 -14.26 -18.37 -25.59
N LYS B 220 -13.96 -18.04 -26.85
CA LYS B 220 -12.73 -18.43 -27.49
C LYS B 220 -11.81 -17.24 -27.63
N GLN B 221 -12.16 -16.10 -26.99
CA GLN B 221 -11.30 -14.93 -26.98
C GLN B 221 -10.04 -15.30 -26.24
N LYS B 222 -8.93 -14.75 -26.68
CA LYS B 222 -7.65 -15.04 -26.09
C LYS B 222 -7.63 -14.73 -24.58
N TYR B 223 -8.17 -13.57 -24.19
CA TYR B 223 -8.12 -13.21 -22.78
C TYR B 223 -8.92 -14.18 -21.90
N ILE B 224 -9.97 -14.78 -22.44
CA ILE B 224 -10.71 -15.80 -21.66
C ILE B 224 -9.91 -17.10 -21.62
N GLN B 225 -9.28 -17.48 -22.73
CA GLN B 225 -8.40 -18.68 -22.74
C GLN B 225 -7.28 -18.50 -21.71
N ASN B 226 -6.73 -17.29 -21.62
CA ASN B 226 -5.72 -16.97 -20.63
C ASN B 226 -6.26 -17.07 -19.20
N LEU B 227 -7.43 -16.48 -18.95
CA LEU B 227 -8.10 -16.56 -17.65
C LEU B 227 -8.31 -18.01 -17.28
N ASN B 228 -8.77 -18.83 -18.22
CA ASN B 228 -9.03 -20.22 -17.93
C ASN B 228 -7.81 -21.04 -17.51
N ALA B 229 -6.65 -20.60 -17.97
CA ALA B 229 -5.39 -21.23 -17.61
C ALA B 229 -4.78 -20.64 -16.33
N SER B 230 -5.44 -19.68 -15.67
CA SER B 230 -4.78 -18.88 -14.63
C SER B 230 -5.19 -19.20 -13.19
N GLU B 231 -5.75 -20.38 -12.90
CA GLU B 231 -6.21 -20.64 -11.52
C GLU B 231 -5.09 -20.42 -10.48
N GLU B 232 -3.92 -21.01 -10.73
CA GLU B 232 -2.80 -20.85 -9.78
C GLU B 232 -2.29 -19.41 -9.65
N LEU B 233 -2.18 -18.72 -10.77
CA LEU B 233 -1.88 -17.30 -10.79
C LEU B 233 -2.85 -16.47 -9.95
N LEU B 234 -4.14 -16.73 -10.10
CA LEU B 234 -5.14 -15.98 -9.37
C LEU B 234 -5.04 -16.23 -7.87
N PHE B 235 -4.85 -17.48 -7.46
CA PHE B 235 -4.72 -17.78 -6.03
C PHE B 235 -3.49 -17.07 -5.46
N ARG B 236 -2.38 -17.13 -6.20
CA ARG B 236 -1.15 -16.47 -5.78
C ARG B 236 -1.34 -14.97 -5.70
N ASN B 237 -1.89 -14.37 -6.74
CA ASN B 237 -2.05 -12.93 -6.75
C ASN B 237 -2.92 -12.42 -5.62
N LEU B 238 -3.93 -13.19 -5.27
CA LEU B 238 -4.82 -12.85 -4.20
C LEU B 238 -4.05 -12.73 -2.89
N ILE B 239 -3.12 -13.63 -2.65
CA ILE B 239 -2.28 -13.58 -1.46
C ILE B 239 -1.42 -12.30 -1.46
N LEU B 240 -0.91 -11.95 -2.63
CA LEU B 240 -0.07 -10.80 -2.77
C LEU B 240 -0.80 -9.47 -2.67
N VAL B 241 -2.08 -9.42 -3.07
CA VAL B 241 -2.80 -8.12 -3.11
C VAL B 241 -3.89 -7.92 -2.07
N ASP B 242 -4.36 -8.97 -1.43
CA ASP B 242 -5.45 -8.84 -0.47
C ASP B 242 -4.86 -8.43 0.87
N LEU B 243 -4.61 -7.14 0.98
CA LEU B 243 -3.92 -6.59 2.14
C LEU B 243 -4.64 -6.88 3.43
N PRO B 244 -5.96 -6.63 3.48
CA PRO B 244 -6.61 -6.90 4.78
C PRO B 244 -6.55 -8.35 5.23
N THR B 245 -6.72 -9.29 4.30
CA THR B 245 -6.70 -10.69 4.68
C THR B 245 -5.31 -11.17 5.14
N TYR B 246 -4.25 -10.75 4.46
CA TYR B 246 -2.91 -11.31 4.69
C TYR B 246 -1.95 -10.44 5.48
N CYS B 247 -2.40 -9.30 6.02
CA CYS B 247 -1.45 -8.39 6.70
C CYS B 247 -0.79 -9.00 7.94
N VAL B 248 -1.52 -9.83 8.69
CA VAL B 248 -0.99 -10.45 9.86
C VAL B 248 0.05 -11.49 9.45
N ASP B 249 -0.26 -12.33 8.47
CA ASP B 249 0.70 -13.29 7.96
C ASP B 249 1.96 -12.59 7.43
N ALA B 250 1.79 -11.43 6.83
CA ALA B 250 2.90 -10.72 6.20
C ALA B 250 3.87 -10.20 7.27
N ILE B 251 3.32 -9.76 8.39
CA ILE B 251 4.15 -9.31 9.49
C ILE B 251 4.80 -10.50 10.18
N ALA B 252 4.02 -11.57 10.38
CA ALA B 252 4.53 -12.78 11.06
C ALA B 252 5.62 -13.48 10.26
N ALA B 253 5.70 -13.22 8.96
CA ALA B 253 6.75 -13.76 8.12
C ALA B 253 8.18 -13.40 8.55
N VAL B 254 8.36 -12.33 9.31
CA VAL B 254 9.70 -11.99 9.82
C VAL B 254 9.87 -12.36 11.30
N GLY B 255 8.89 -13.07 11.86
CA GLY B 255 8.92 -13.56 13.23
C GLY B 255 7.63 -13.32 13.98
N GLN B 256 7.09 -14.38 14.59
CA GLN B 256 5.87 -14.22 15.42
C GLN B 256 6.08 -13.25 16.59
N ASP B 257 7.26 -13.28 17.22
CA ASP B 257 7.57 -12.35 18.31
C ASP B 257 7.49 -10.91 17.84
N VAL B 258 7.90 -10.67 16.60
CA VAL B 258 7.85 -9.32 16.05
C VAL B 258 6.42 -8.88 15.89
N LEU B 259 5.58 -9.73 15.34
CA LEU B 259 4.14 -9.44 15.28
C LEU B 259 3.55 -9.16 16.67
N ASP B 260 3.85 -10.03 17.63
CA ASP B 260 3.32 -9.86 18.99
C ASP B 260 3.77 -8.53 19.62
N LYS B 261 5.03 -8.16 19.43
CA LYS B 261 5.50 -6.87 19.93
C LYS B 261 4.84 -5.70 19.21
N PHE B 262 4.68 -5.79 17.88
CA PHE B 262 4.01 -4.70 17.14
C PHE B 262 2.58 -4.56 17.63
N THR B 263 1.89 -5.69 17.79
CA THR B 263 0.54 -5.67 18.36
C THR B 263 0.52 -4.90 19.68
N LYS B 264 1.40 -5.30 20.60
CA LYS B 264 1.51 -4.65 21.88
C LYS B 264 1.75 -3.14 21.78
N ASP B 265 2.70 -2.75 20.94
CA ASP B 265 3.05 -1.34 20.77
C ASP B 265 1.89 -0.50 20.20
N ILE B 266 1.17 -1.05 19.23
CA ILE B 266 0.06 -0.35 18.61
C ILE B 266 -1.10 -0.17 19.61
N LEU B 267 -1.44 -1.24 20.33
CA LEU B 267 -2.50 -1.16 21.36
C LEU B 267 -2.17 -0.10 22.42
N GLU B 268 -0.91 -0.06 22.83
CA GLU B 268 -0.44 0.92 23.81
C GLU B 268 -0.52 2.37 23.29
N ILE B 269 -0.12 2.58 22.04
CA ILE B 269 -0.23 3.89 21.39
C ILE B 269 -1.66 4.41 21.36
N ALA B 270 -2.62 3.52 21.11
CA ALA B 270 -4.01 3.89 21.01
C ALA B 270 -4.59 4.35 22.35
N GLU B 271 -4.02 3.86 23.45
CA GLU B 271 -4.36 4.36 24.81
C GLU B 271 -3.64 5.69 25.22
N GLN B 272 -2.47 6.00 24.63
CA GLN B 272 -1.67 7.21 24.97
C GLN B 272 -2.32 8.50 24.48
CA CA C . -6.46 23.23 2.58
NA NA D . 5.60 6.86 -21.32
K K E . -3.27 -7.92 -17.14
CA CA F . 4.23 0.33 -0.15
C1 GOL G . 14.40 5.76 5.35
O1 GOL G . 14.76 5.68 6.74
C2 GOL G . 12.89 5.99 5.17
O2 GOL G . 12.44 5.66 3.85
C3 GOL G . 12.09 5.17 6.17
O3 GOL G . 12.48 3.81 6.22
#